data_8A6E
#
_entry.id   8A6E
#
_cell.length_a   61.290
_cell.length_b   90.810
_cell.length_c   150.510
_cell.angle_alpha   90.000
_cell.angle_beta   90.000
_cell.angle_gamma   90.000
#
_symmetry.space_group_name_H-M   'P 2 21 21'
#
loop_
_entity.id
_entity.type
_entity.pdbx_description
1 polymer Rhodopsin
2 branched 2-acetamido-2-deoxy-beta-D-glucopyranose-(1-4)-2-acetamido-2-deoxy-beta-D-glucopyranose
3 non-polymer RETINAL
4 non-polymer 2-acetamido-2-deoxy-beta-D-glucopyranose
5 non-polymer 'LAURIC ACID'
6 non-polymer '(2R)-2,3-dihydroxypropyl (9Z)-octadec-9-enoate'
7 non-polymer 'PALMITIC ACID'
8 water water
#
_entity_poly.entity_id   1
_entity_poly.type   'polypeptide(L)'
_entity_poly.pdbx_seq_one_letter_code
;(ACE)MNGTEGPNFYVPFSNKTGVVRSPFEAPQYYLAEPWQFSMLAAYMFLLIMLGFPINFLTLYVTVQHKKLRTPLNYI
LLNLAVADLFMVFGGFTTTLYTSLHGYFVFGPTGCNLEGFFATLGGEIALWSLVVLAIERYVVVCKPMSNFRFGENHAIM
GVAFTWVMALACAAPPLVGWSRYIPEGMQCSCGIDYYTPHEETNNESFVIYMFVVHFIIPLIVIFFCYGQLVFTVKEAAA
QQQESATTQKAEKEVTRMVIIMVIAFLICWLPYAGVAFYIFTHQGSDFGPIFMTIPAFFAKTSAVYNPVIYIMMNKQFRN
CMVTTLCCGKNPLGDDEASTTVSKTETSQVAPA
;
_entity_poly.pdbx_strand_id   A,B
#
# COMPACT_ATOMS: atom_id res chain seq x y z
N MET A 2 -9.98 -12.22 -36.22
CA MET A 2 -10.45 -12.23 -34.83
C MET A 2 -11.79 -12.95 -34.68
N ASN A 3 -11.82 -13.94 -33.80
CA ASN A 3 -13.00 -14.77 -33.57
C ASN A 3 -13.89 -14.23 -32.45
N GLY A 4 -13.59 -13.04 -31.93
CA GLY A 4 -14.43 -12.42 -30.92
C GLY A 4 -14.79 -11.00 -31.32
N THR A 5 -15.45 -10.33 -30.38
CA THR A 5 -15.97 -8.98 -30.59
C THR A 5 -15.31 -8.02 -29.62
N GLU A 6 -14.58 -7.04 -30.15
CA GLU A 6 -13.90 -6.05 -29.35
C GLU A 6 -14.71 -4.75 -29.33
N GLY A 7 -15.01 -4.27 -28.14
CA GLY A 7 -15.59 -2.97 -27.96
C GLY A 7 -14.58 -1.98 -27.43
N PRO A 8 -15.04 -0.78 -27.09
CA PRO A 8 -14.10 0.23 -26.57
C PRO A 8 -13.38 -0.20 -25.30
N ASN A 9 -14.08 -0.94 -24.42
CA ASN A 9 -13.51 -1.36 -23.15
C ASN A 9 -13.88 -2.80 -22.82
N PHE A 10 -14.08 -3.63 -23.85
CA PHE A 10 -14.40 -5.03 -23.61
C PHE A 10 -13.96 -5.87 -24.79
N TYR A 11 -13.76 -7.16 -24.53
CA TYR A 11 -13.54 -8.16 -25.57
C TYR A 11 -14.42 -9.36 -25.25
N VAL A 12 -15.50 -9.53 -26.01
CA VAL A 12 -16.41 -10.65 -25.82
C VAL A 12 -15.88 -11.84 -26.62
N PRO A 13 -15.70 -13.01 -26.00
CA PRO A 13 -15.24 -14.21 -26.74
C PRO A 13 -16.40 -14.89 -27.47
N PHE A 14 -16.98 -14.19 -28.44
CA PHE A 14 -18.18 -14.65 -29.11
C PHE A 14 -18.35 -13.81 -30.37
N SER A 15 -18.42 -14.45 -31.52
CA SER A 15 -18.51 -13.72 -32.78
C SER A 15 -19.81 -12.95 -32.90
N ASN A 16 -19.75 -11.75 -33.45
CA ASN A 16 -20.93 -10.93 -33.69
C ASN A 16 -21.38 -10.99 -35.15
N LYS A 17 -21.14 -12.11 -35.82
CA LYS A 17 -21.55 -12.23 -37.22
C LYS A 17 -23.08 -12.18 -37.35
N THR A 18 -23.79 -12.76 -36.39
CA THR A 18 -25.25 -12.71 -36.40
C THR A 18 -25.81 -11.42 -35.80
N GLY A 19 -24.97 -10.59 -35.19
CA GLY A 19 -25.39 -9.30 -34.67
C GLY A 19 -25.92 -9.29 -33.25
N VAL A 20 -25.83 -10.41 -32.52
CA VAL A 20 -26.50 -10.53 -31.22
C VAL A 20 -25.61 -10.13 -30.05
N VAL A 21 -24.35 -9.79 -30.28
CA VAL A 21 -23.43 -9.46 -29.20
C VAL A 21 -23.72 -8.06 -28.68
N ARG A 22 -23.89 -7.93 -27.36
N ARG A 22 -23.89 -7.94 -27.36
CA ARG A 22 -24.09 -6.65 -26.72
CA ARG A 22 -24.11 -6.67 -26.70
C ARG A 22 -23.09 -6.47 -25.59
C ARG A 22 -23.07 -6.47 -25.60
N SER A 23 -22.79 -5.21 -25.29
CA SER A 23 -21.71 -4.89 -24.36
C SER A 23 -22.00 -5.45 -22.98
N PRO A 24 -20.99 -5.99 -22.29
CA PRO A 24 -21.19 -6.47 -20.92
C PRO A 24 -21.45 -5.38 -19.91
N PHE A 25 -21.31 -4.11 -20.29
CA PHE A 25 -21.65 -2.98 -19.43
C PHE A 25 -23.05 -2.44 -19.70
N GLU A 26 -23.80 -3.06 -20.60
CA GLU A 26 -25.10 -2.54 -21.02
C GLU A 26 -26.26 -3.50 -20.80
N ALA A 27 -26.09 -4.78 -21.12
CA ALA A 27 -27.22 -5.68 -21.16
C ALA A 27 -26.79 -7.07 -20.68
N PRO A 28 -27.73 -7.89 -20.19
CA PRO A 28 -27.38 -9.25 -19.80
C PRO A 28 -26.78 -10.02 -20.97
N GLN A 29 -25.88 -10.95 -20.65
CA GLN A 29 -25.10 -11.68 -21.64
C GLN A 29 -25.70 -13.04 -21.96
N TYR A 30 -27.03 -13.11 -22.03
CA TYR A 30 -27.72 -14.37 -22.28
C TYR A 30 -27.51 -14.92 -23.68
N TYR A 31 -26.95 -14.13 -24.61
CA TYR A 31 -26.66 -14.64 -25.94
C TYR A 31 -25.48 -15.62 -25.94
N LEU A 32 -24.66 -15.61 -24.90
CA LEU A 32 -23.49 -16.47 -24.83
C LEU A 32 -23.59 -17.56 -23.78
N ALA A 33 -24.55 -17.48 -22.86
CA ALA A 33 -24.77 -18.54 -21.89
C ALA A 33 -26.21 -18.50 -21.42
N GLU A 34 -26.75 -19.67 -21.10
N GLU A 34 -26.75 -19.67 -21.10
CA GLU A 34 -28.12 -19.74 -20.61
CA GLU A 34 -28.11 -19.76 -20.60
C GLU A 34 -28.21 -19.15 -19.21
C GLU A 34 -28.21 -19.15 -19.21
N PRO A 35 -29.38 -18.63 -18.83
CA PRO A 35 -29.52 -18.01 -17.51
C PRO A 35 -29.17 -18.92 -16.34
N TRP A 36 -29.41 -20.23 -16.46
CA TRP A 36 -29.09 -21.13 -15.36
C TRP A 36 -27.58 -21.24 -15.12
N GLN A 37 -26.76 -20.87 -16.10
CA GLN A 37 -25.31 -20.86 -15.91
C GLN A 37 -24.84 -19.62 -15.15
N PHE A 38 -25.44 -18.45 -15.43
CA PHE A 38 -25.17 -17.27 -14.63
C PHE A 38 -25.63 -17.46 -13.20
N SER A 39 -26.72 -18.22 -12.99
N SER A 39 -26.72 -18.20 -13.00
CA SER A 39 -27.20 -18.46 -11.63
CA SER A 39 -27.21 -18.47 -11.65
C SER A 39 -26.22 -19.33 -10.84
C SER A 39 -26.22 -19.30 -10.85
N MET A 40 -25.59 -20.30 -11.49
CA MET A 40 -24.61 -21.12 -10.79
C MET A 40 -23.42 -20.29 -10.34
N LEU A 41 -22.98 -19.35 -11.17
CA LEU A 41 -21.91 -18.45 -10.76
C LEU A 41 -22.31 -17.64 -9.53
N ALA A 42 -23.55 -17.16 -9.48
CA ALA A 42 -24.00 -16.37 -8.34
C ALA A 42 -24.12 -17.22 -7.08
N ALA A 43 -24.60 -18.46 -7.22
CA ALA A 43 -24.66 -19.36 -6.07
C ALA A 43 -23.28 -19.66 -5.53
N TYR A 44 -22.32 -19.88 -6.43
CA TYR A 44 -20.94 -20.09 -6.02
C TYR A 44 -20.37 -18.86 -5.33
N MET A 45 -20.65 -17.67 -5.86
CA MET A 45 -20.11 -16.46 -5.25
C MET A 45 -20.76 -16.16 -3.90
N PHE A 46 -22.05 -16.46 -3.76
CA PHE A 46 -22.70 -16.29 -2.46
C PHE A 46 -22.07 -17.22 -1.43
N LEU A 47 -21.71 -18.43 -1.83
CA LEU A 47 -21.06 -19.36 -0.91
C LEU A 47 -19.71 -18.83 -0.45
N LEU A 48 -18.91 -18.28 -1.37
CA LEU A 48 -17.60 -17.78 -1.00
C LEU A 48 -17.71 -16.61 -0.04
N ILE A 49 -18.68 -15.71 -0.25
CA ILE A 49 -18.85 -14.58 0.65
C ILE A 49 -19.29 -15.05 2.03
N MET A 50 -20.26 -15.98 2.07
CA MET A 50 -20.81 -16.41 3.36
C MET A 50 -19.84 -17.30 4.13
N LEU A 51 -18.93 -17.97 3.44
CA LEU A 51 -17.85 -18.67 4.13
C LEU A 51 -16.64 -17.76 4.34
N GLY A 52 -16.31 -16.93 3.35
CA GLY A 52 -15.09 -16.13 3.44
C GLY A 52 -15.14 -15.08 4.54
N PHE A 53 -16.30 -14.44 4.74
CA PHE A 53 -16.40 -13.41 5.77
C PHE A 53 -16.16 -13.95 7.17
N PRO A 54 -16.82 -15.03 7.62
CA PRO A 54 -16.61 -15.46 9.01
C PRO A 54 -15.26 -16.11 9.26
N ILE A 55 -14.76 -16.93 8.33
N ILE A 55 -14.78 -16.94 8.33
CA ILE A 55 -13.51 -17.64 8.58
CA ILE A 55 -13.51 -17.63 8.54
C ILE A 55 -12.34 -16.66 8.62
C ILE A 55 -12.37 -16.64 8.65
N ASN A 56 -12.36 -15.62 7.78
CA ASN A 56 -11.29 -14.63 7.82
C ASN A 56 -11.43 -13.69 9.01
N PHE A 57 -12.66 -13.28 9.34
CA PHE A 57 -12.85 -12.44 10.51
C PHE A 57 -12.43 -13.17 11.78
N LEU A 58 -12.78 -14.45 11.90
N LEU A 58 -12.78 -14.46 11.89
CA LEU A 58 -12.39 -15.22 13.07
CA LEU A 58 -12.39 -15.23 13.07
C LEU A 58 -10.87 -15.35 13.18
C LEU A 58 -10.88 -15.34 13.17
N THR A 59 -10.20 -15.56 12.04
CA THR A 59 -8.74 -15.60 12.05
C THR A 59 -8.15 -14.27 12.52
N LEU A 60 -8.72 -13.16 12.05
CA LEU A 60 -8.28 -11.84 12.50
C LEU A 60 -8.53 -11.66 13.99
N TYR A 61 -9.72 -12.01 14.46
CA TYR A 61 -10.10 -11.76 15.85
C TYR A 61 -9.25 -12.60 16.82
N VAL A 62 -9.06 -13.88 16.51
CA VAL A 62 -8.32 -14.76 17.41
C VAL A 62 -6.88 -14.29 17.54
N THR A 63 -6.25 -13.92 16.42
CA THR A 63 -4.85 -13.49 16.44
C THR A 63 -4.69 -12.20 17.24
N VAL A 64 -5.63 -11.26 17.12
CA VAL A 64 -5.52 -10.01 17.84
C VAL A 64 -5.70 -10.23 19.34
N GLN A 65 -6.66 -11.08 19.73
CA GLN A 65 -6.95 -11.27 21.14
C GLN A 65 -5.79 -11.95 21.87
N HIS A 66 -5.09 -12.87 21.23
CA HIS A 66 -4.07 -13.69 21.88
C HIS A 66 -2.68 -13.16 21.56
N LYS A 67 -1.94 -12.77 22.60
CA LYS A 67 -0.60 -12.23 22.43
C LYS A 67 0.44 -13.30 22.17
N LYS A 68 0.11 -14.58 22.40
CA LYS A 68 1.04 -15.66 22.09
C LYS A 68 1.24 -15.84 20.59
N LEU A 69 0.33 -15.29 19.78
CA LEU A 69 0.36 -15.49 18.33
C LEU A 69 1.06 -14.31 17.65
N ARG A 70 2.39 -14.26 17.81
CA ARG A 70 3.18 -13.19 17.25
C ARG A 70 4.40 -13.71 16.48
N THR A 71 4.38 -14.96 16.04
CA THR A 71 5.45 -15.47 15.19
C THR A 71 5.29 -14.89 13.78
N PRO A 72 6.35 -14.97 12.96
CA PRO A 72 6.22 -14.50 11.57
C PRO A 72 5.06 -15.13 10.82
N LEU A 73 4.78 -16.42 11.06
CA LEU A 73 3.63 -17.06 10.45
C LEU A 73 2.33 -16.40 10.91
N ASN A 74 2.22 -16.14 12.21
CA ASN A 74 0.99 -15.55 12.74
C ASN A 74 0.71 -14.18 12.11
N TYR A 75 1.75 -13.36 11.97
CA TYR A 75 1.58 -12.06 11.32
C TYR A 75 1.16 -12.22 9.86
N ILE A 76 1.76 -13.18 9.15
CA ILE A 76 1.47 -13.35 7.73
C ILE A 76 0.04 -13.84 7.52
N LEU A 77 -0.41 -14.78 8.34
CA LEU A 77 -1.79 -15.25 8.24
C LEU A 77 -2.78 -14.16 8.65
N LEU A 78 -2.43 -13.35 9.64
CA LEU A 78 -3.25 -12.18 9.96
C LEU A 78 -3.33 -11.24 8.77
N ASN A 79 -2.21 -11.06 8.06
CA ASN A 79 -2.19 -10.20 6.87
C ASN A 79 -3.12 -10.75 5.80
N LEU A 80 -3.06 -12.07 5.55
CA LEU A 80 -3.90 -12.67 4.53
C LEU A 80 -5.37 -12.54 4.88
N ALA A 81 -5.71 -12.65 6.18
CA ALA A 81 -7.10 -12.53 6.60
C ALA A 81 -7.66 -11.16 6.25
N VAL A 82 -6.89 -10.10 6.55
CA VAL A 82 -7.31 -8.75 6.18
C VAL A 82 -7.41 -8.63 4.67
N ALA A 83 -6.40 -9.13 3.96
CA ALA A 83 -6.42 -9.09 2.50
C ALA A 83 -7.60 -9.88 1.94
N ASP A 84 -7.90 -11.04 2.52
CA ASP A 84 -9.06 -11.80 2.08
C ASP A 84 -10.36 -11.02 2.32
N LEU A 85 -10.45 -10.34 3.46
CA LEU A 85 -11.65 -9.56 3.76
C LEU A 85 -11.85 -8.45 2.74
N PHE A 86 -10.75 -7.85 2.27
CA PHE A 86 -10.85 -6.86 1.19
C PHE A 86 -11.37 -7.49 -0.09
N MET A 87 -10.93 -8.72 -0.39
CA MET A 87 -11.45 -9.42 -1.56
C MET A 87 -12.94 -9.67 -1.45
N VAL A 88 -13.39 -10.10 -0.27
CA VAL A 88 -14.80 -10.49 -0.10
C VAL A 88 -15.70 -9.27 -0.24
N PHE A 89 -15.37 -8.19 0.47
CA PHE A 89 -16.24 -7.02 0.49
C PHE A 89 -15.95 -6.04 -0.63
N GLY A 90 -14.67 -5.86 -1.00
CA GLY A 90 -14.34 -4.97 -2.08
C GLY A 90 -14.74 -5.53 -3.44
N GLY A 91 -14.42 -6.80 -3.67
CA GLY A 91 -14.59 -7.40 -4.97
C GLY A 91 -15.74 -8.38 -5.12
N PHE A 92 -15.87 -9.32 -4.18
CA PHE A 92 -16.82 -10.41 -4.36
C PHE A 92 -18.27 -9.95 -4.29
N THR A 93 -18.54 -8.85 -3.59
CA THR A 93 -19.88 -8.28 -3.59
C THR A 93 -20.29 -7.84 -5.00
N THR A 94 -19.36 -7.24 -5.73
CA THR A 94 -19.63 -6.89 -7.13
C THR A 94 -19.78 -8.13 -7.99
N THR A 95 -18.95 -9.15 -7.77
CA THR A 95 -19.04 -10.39 -8.53
C THR A 95 -20.44 -10.99 -8.39
N LEU A 96 -20.95 -11.03 -7.16
CA LEU A 96 -22.28 -11.60 -6.92
C LEU A 96 -23.36 -10.80 -7.62
N TYR A 97 -23.37 -9.48 -7.41
CA TYR A 97 -24.41 -8.64 -8.01
C TYR A 97 -24.34 -8.70 -9.53
N THR A 98 -23.13 -8.68 -10.09
CA THR A 98 -22.96 -8.82 -11.52
C THR A 98 -23.49 -10.15 -12.03
N SER A 99 -23.12 -11.24 -11.35
N SER A 99 -23.13 -11.25 -11.35
CA SER A 99 -23.54 -12.58 -11.78
CA SER A 99 -23.56 -12.57 -11.79
C SER A 99 -25.04 -12.79 -11.61
C SER A 99 -25.06 -12.77 -11.64
N LEU A 100 -25.69 -12.04 -10.72
CA LEU A 100 -27.13 -12.14 -10.58
C LEU A 100 -27.85 -11.59 -11.82
N HIS A 101 -27.35 -10.48 -12.35
CA HIS A 101 -27.97 -9.83 -13.50
C HIS A 101 -27.37 -10.24 -14.84
N GLY A 102 -26.27 -11.00 -14.84
CA GLY A 102 -25.65 -11.44 -16.06
C GLY A 102 -24.84 -10.39 -16.80
N TYR A 103 -24.51 -9.28 -16.15
CA TYR A 103 -23.61 -8.28 -16.72
C TYR A 103 -23.20 -7.33 -15.61
N PHE A 104 -22.23 -6.47 -15.93
CA PHE A 104 -21.72 -5.47 -14.97
C PHE A 104 -22.67 -4.28 -14.97
N VAL A 105 -23.69 -4.37 -14.11
CA VAL A 105 -24.64 -3.27 -13.97
C VAL A 105 -23.92 -2.01 -13.50
N PHE A 106 -22.94 -2.17 -12.61
CA PHE A 106 -22.14 -1.05 -12.11
C PHE A 106 -21.22 -0.45 -13.16
N GLY A 107 -21.16 -1.03 -14.36
CA GLY A 107 -20.31 -0.51 -15.41
C GLY A 107 -18.84 -0.74 -15.12
N PRO A 108 -17.98 0.02 -15.81
CA PRO A 108 -16.53 -0.17 -15.63
C PRO A 108 -16.02 0.09 -14.23
N THR A 109 -16.76 0.87 -13.42
CA THR A 109 -16.38 1.00 -12.01
C THR A 109 -16.50 -0.35 -11.30
N GLY A 110 -17.56 -1.10 -11.59
CA GLY A 110 -17.70 -2.43 -11.00
C GLY A 110 -16.64 -3.40 -11.47
N CYS A 111 -16.26 -3.30 -12.75
CA CYS A 111 -15.18 -4.14 -13.27
C CYS A 111 -13.85 -3.81 -12.60
N ASN A 112 -13.58 -2.52 -12.38
CA ASN A 112 -12.37 -2.13 -11.67
C ASN A 112 -12.37 -2.69 -10.25
N LEU A 113 -13.52 -2.61 -9.56
CA LEU A 113 -13.60 -3.15 -8.21
C LEU A 113 -13.33 -4.65 -8.20
N GLU A 114 -13.99 -5.40 -9.09
CA GLU A 114 -13.89 -6.85 -9.09
C GLU A 114 -12.46 -7.31 -9.40
N GLY A 115 -11.83 -6.71 -10.40
CA GLY A 115 -10.51 -7.10 -10.81
C GLY A 115 -9.40 -6.66 -9.86
N PHE A 116 -9.49 -5.42 -9.36
CA PHE A 116 -8.42 -4.88 -8.54
C PHE A 116 -8.26 -5.62 -7.22
N PHE A 117 -9.38 -5.86 -6.53
CA PHE A 117 -9.29 -6.46 -5.19
C PHE A 117 -8.90 -7.93 -5.25
N ALA A 118 -9.31 -8.65 -6.29
CA ALA A 118 -8.86 -10.02 -6.45
C ALA A 118 -7.40 -10.09 -6.88
N THR A 119 -6.99 -9.20 -7.81
CA THR A 119 -5.58 -9.13 -8.18
C THR A 119 -4.74 -8.69 -6.99
N LEU A 120 -5.21 -7.70 -6.23
CA LEU A 120 -4.49 -7.26 -5.04
C LEU A 120 -4.39 -8.36 -4.00
N GLY A 121 -5.50 -9.06 -3.74
CA GLY A 121 -5.49 -10.09 -2.71
C GLY A 121 -4.63 -11.28 -3.08
N GLY A 122 -4.69 -11.70 -4.35
CA GLY A 122 -3.85 -12.81 -4.79
C GLY A 122 -2.38 -12.48 -4.77
N GLU A 123 -2.03 -11.23 -5.10
CA GLU A 123 -0.62 -10.83 -5.06
C GLU A 123 -0.12 -10.66 -3.64
N ILE A 124 -1.00 -10.29 -2.71
CA ILE A 124 -0.62 -10.30 -1.29
C ILE A 124 -0.29 -11.72 -0.85
N ALA A 125 -1.08 -12.70 -1.31
CA ALA A 125 -0.80 -14.09 -0.98
C ALA A 125 0.55 -14.55 -1.54
N LEU A 126 0.84 -14.20 -2.80
CA LEU A 126 2.06 -14.67 -3.44
C LEU A 126 3.29 -14.06 -2.77
N TRP A 127 3.31 -12.74 -2.59
CA TRP A 127 4.45 -12.09 -1.96
C TRP A 127 4.56 -12.45 -0.48
N SER A 128 3.46 -12.87 0.16
CA SER A 128 3.54 -13.40 1.51
C SER A 128 4.28 -14.74 1.53
N LEU A 129 4.01 -15.60 0.54
CA LEU A 129 4.73 -16.85 0.44
C LEU A 129 6.23 -16.62 0.26
N VAL A 130 6.59 -15.59 -0.51
CA VAL A 130 8.00 -15.21 -0.62
C VAL A 130 8.57 -14.88 0.75
N VAL A 131 7.83 -14.11 1.55
CA VAL A 131 8.28 -13.76 2.89
C VAL A 131 8.45 -15.01 3.74
N LEU A 132 7.50 -15.95 3.66
CA LEU A 132 7.58 -17.16 4.47
C LEU A 132 8.71 -18.07 3.98
N ALA A 133 8.96 -18.12 2.68
CA ALA A 133 10.05 -18.93 2.15
C ALA A 133 11.40 -18.39 2.63
N ILE A 134 11.57 -17.07 2.63
CA ILE A 134 12.78 -16.46 3.16
C ILE A 134 12.92 -16.74 4.65
N GLU A 135 11.81 -16.62 5.39
CA GLU A 135 11.85 -16.86 6.83
C GLU A 135 12.22 -18.30 7.15
N ARG A 136 11.63 -19.26 6.41
CA ARG A 136 11.98 -20.66 6.62
C ARG A 136 13.44 -20.92 6.25
N TYR A 137 13.90 -20.36 5.13
CA TYR A 137 15.28 -20.56 4.71
C TYR A 137 16.26 -20.00 5.76
N VAL A 138 15.91 -18.87 6.36
CA VAL A 138 16.76 -18.30 7.40
C VAL A 138 16.74 -19.17 8.66
N VAL A 139 15.54 -19.56 9.10
CA VAL A 139 15.43 -20.29 10.36
C VAL A 139 16.03 -21.69 10.23
N VAL A 140 15.72 -22.38 9.13
CA VAL A 140 16.20 -23.75 8.97
C VAL A 140 17.67 -23.78 8.60
N CYS A 141 18.04 -23.09 7.53
CA CYS A 141 19.41 -23.21 7.00
C CYS A 141 20.41 -22.31 7.71
N LYS A 142 19.95 -21.37 8.53
CA LYS A 142 20.77 -20.51 9.38
C LYS A 142 22.02 -19.98 8.68
N PRO A 143 21.90 -19.31 7.52
CA PRO A 143 23.12 -18.81 6.89
C PRO A 143 23.76 -17.64 7.66
N ARG A 148 18.52 -13.47 13.57
CA ARG A 148 17.34 -14.30 13.33
C ARG A 148 16.17 -13.47 12.82
N PHE A 149 15.16 -14.16 12.29
CA PHE A 149 13.97 -13.53 11.73
C PHE A 149 12.95 -13.34 12.83
N GLY A 150 12.72 -12.09 13.23
CA GLY A 150 11.87 -11.77 14.35
C GLY A 150 10.61 -11.04 13.94
N GLU A 151 9.97 -10.41 14.93
CA GLU A 151 8.72 -9.69 14.69
C GLU A 151 8.93 -8.52 13.74
N ASN A 152 9.99 -7.73 13.98
CA ASN A 152 10.25 -6.57 13.12
C ASN A 152 10.42 -6.99 11.67
N HIS A 153 11.10 -8.11 11.44
CA HIS A 153 11.25 -8.60 10.08
C HIS A 153 9.92 -9.12 9.51
N ALA A 154 9.03 -9.61 10.38
CA ALA A 154 7.72 -10.07 9.91
C ALA A 154 6.83 -8.90 9.50
N ILE A 155 6.77 -7.86 10.34
CA ILE A 155 5.96 -6.69 10.03
C ILE A 155 6.50 -5.98 8.79
N MET A 156 7.83 -5.95 8.64
CA MET A 156 8.42 -5.37 7.45
C MET A 156 8.02 -6.17 6.21
N GLY A 157 7.94 -7.50 6.34
CA GLY A 157 7.46 -8.32 5.25
C GLY A 157 6.01 -8.04 4.92
N VAL A 158 5.18 -7.81 5.94
CA VAL A 158 3.76 -7.53 5.72
C VAL A 158 3.61 -6.24 4.91
N ALA A 159 4.30 -5.18 5.31
CA ALA A 159 4.28 -3.95 4.54
C ALA A 159 4.81 -4.17 3.14
N PHE A 160 5.83 -5.03 3.01
CA PHE A 160 6.41 -5.33 1.71
C PHE A 160 5.39 -5.98 0.78
N THR A 161 4.55 -6.87 1.31
CA THR A 161 3.56 -7.54 0.46
C THR A 161 2.57 -6.53 -0.12
N TRP A 162 2.15 -5.55 0.68
CA TRP A 162 1.19 -4.57 0.19
C TRP A 162 1.79 -3.69 -0.90
N VAL A 163 3.03 -3.25 -0.74
CA VAL A 163 3.68 -2.41 -1.75
C VAL A 163 3.82 -3.19 -3.05
N MET A 164 4.30 -4.43 -2.97
CA MET A 164 4.44 -5.26 -4.17
C MET A 164 3.09 -5.56 -4.80
N ALA A 165 2.08 -5.85 -3.96
CA ALA A 165 0.75 -6.11 -4.50
C ALA A 165 0.18 -4.88 -5.19
N LEU A 166 0.37 -3.70 -4.59
CA LEU A 166 -0.14 -2.47 -5.20
C LEU A 166 0.62 -2.16 -6.49
N ALA A 167 1.92 -2.45 -6.53
CA ALA A 167 2.69 -2.23 -7.75
C ALA A 167 2.16 -3.05 -8.92
N CYS A 168 1.44 -4.13 -8.64
CA CYS A 168 0.80 -4.93 -9.68
C CYS A 168 -0.65 -4.52 -9.91
N ALA A 169 -1.39 -4.30 -8.81
CA ALA A 169 -2.84 -4.13 -8.92
C ALA A 169 -3.22 -2.71 -9.35
N ALA A 170 -2.46 -1.71 -8.92
CA ALA A 170 -2.85 -0.31 -9.10
C ALA A 170 -2.71 0.25 -10.53
N PRO A 171 -1.65 -0.06 -11.28
CA PRO A 171 -1.47 0.58 -12.60
C PRO A 171 -2.66 0.41 -13.53
N PRO A 172 -3.29 -0.77 -13.60
CA PRO A 172 -4.45 -0.90 -14.51
C PRO A 172 -5.59 0.01 -14.15
N LEU A 173 -5.64 0.53 -12.93
CA LEU A 173 -6.63 1.54 -12.58
C LEU A 173 -6.31 2.91 -13.18
N VAL A 174 -5.05 3.20 -13.50
CA VAL A 174 -4.66 4.56 -13.82
C VAL A 174 -3.94 4.66 -15.15
N GLY A 175 -4.20 3.71 -16.06
CA GLY A 175 -3.80 3.87 -17.45
C GLY A 175 -2.67 3.00 -17.95
N TRP A 176 -2.11 2.12 -17.14
CA TRP A 176 -1.16 1.11 -17.61
C TRP A 176 -1.88 -0.22 -17.58
N SER A 177 -2.29 -0.70 -18.77
CA SER A 177 -3.23 -1.81 -18.93
C SER A 177 -4.59 -1.40 -18.38
N ARG A 178 -5.45 -2.37 -18.12
CA ARG A 178 -6.82 -2.09 -17.69
C ARG A 178 -7.47 -3.39 -17.23
N TYR A 179 -8.51 -3.24 -16.42
CA TYR A 179 -9.34 -4.37 -16.04
C TYR A 179 -10.46 -4.52 -17.04
N ILE A 180 -10.65 -5.73 -17.54
CA ILE A 180 -11.59 -5.99 -18.63
C ILE A 180 -12.36 -7.26 -18.27
N PRO A 181 -13.64 -7.37 -18.62
CA PRO A 181 -14.39 -8.59 -18.29
C PRO A 181 -13.81 -9.82 -18.98
N GLU A 182 -13.97 -10.97 -18.33
CA GLU A 182 -13.41 -12.23 -18.81
C GLU A 182 -14.49 -13.31 -18.86
N GLY A 183 -14.33 -14.22 -19.82
CA GLY A 183 -15.20 -15.39 -19.88
C GLY A 183 -16.64 -15.00 -20.15
N MET A 184 -17.53 -15.40 -19.25
CA MET A 184 -18.95 -15.06 -19.36
C MET A 184 -19.22 -13.61 -19.02
N GLN A 185 -18.17 -12.82 -18.83
CA GLN A 185 -18.21 -11.37 -18.61
C GLN A 185 -18.71 -11.00 -17.24
N CYS A 186 -18.63 -11.91 -16.26
CA CYS A 186 -19.09 -11.63 -14.91
C CYS A 186 -17.95 -11.51 -13.90
N SER A 187 -16.71 -11.63 -14.35
CA SER A 187 -15.54 -11.30 -13.53
C SER A 187 -14.59 -10.50 -14.40
N CYS A 188 -13.61 -9.86 -13.77
CA CYS A 188 -12.68 -9.02 -14.50
C CYS A 188 -11.24 -9.40 -14.17
N GLY A 189 -10.35 -9.12 -15.12
CA GLY A 189 -8.94 -9.40 -14.97
C GLY A 189 -8.11 -8.48 -15.85
N ILE A 190 -6.81 -8.79 -15.97
CA ILE A 190 -5.92 -8.01 -16.80
C ILE A 190 -6.23 -8.27 -18.28
N ASP A 191 -6.04 -7.24 -19.11
CA ASP A 191 -6.38 -7.30 -20.53
C ASP A 191 -5.28 -8.04 -21.28
N TYR A 192 -5.48 -9.34 -21.45
CA TYR A 192 -4.63 -10.15 -22.31
C TYR A 192 -5.18 -10.28 -23.72
N TYR A 193 -6.28 -9.60 -24.03
CA TYR A 193 -7.06 -9.84 -25.22
C TYR A 193 -6.75 -8.87 -26.36
N THR A 194 -6.47 -7.61 -26.05
CA THR A 194 -6.35 -6.56 -27.04
C THR A 194 -5.01 -5.85 -26.90
N PRO A 195 -4.41 -5.41 -28.01
CA PRO A 195 -3.17 -4.64 -27.93
C PRO A 195 -3.36 -3.30 -27.23
N HIS A 196 -4.36 -2.53 -27.68
CA HIS A 196 -4.78 -1.29 -27.03
C HIS A 196 -3.61 -0.39 -26.63
N GLU A 197 -2.91 0.17 -27.62
CA GLU A 197 -1.67 0.91 -27.37
C GLU A 197 -1.82 2.07 -26.40
N GLU A 198 -3.05 2.58 -26.21
CA GLU A 198 -3.24 3.74 -25.34
C GLU A 198 -2.81 3.43 -23.90
N THR A 199 -3.15 2.24 -23.41
CA THR A 199 -2.76 1.82 -22.07
C THR A 199 -1.53 0.92 -22.08
N ASN A 200 -0.90 0.73 -23.24
CA ASN A 200 0.34 -0.03 -23.36
C ASN A 200 0.19 -1.42 -22.72
N ASN A 201 -0.78 -2.17 -23.25
CA ASN A 201 -1.19 -3.43 -22.63
C ASN A 201 -0.04 -4.44 -22.60
N GLU A 202 0.67 -4.58 -23.72
CA GLU A 202 1.65 -5.65 -23.85
C GLU A 202 2.77 -5.51 -22.82
N SER A 203 3.25 -4.28 -22.61
CA SER A 203 4.34 -4.08 -21.66
C SER A 203 3.91 -4.41 -20.23
N PHE A 204 2.64 -4.19 -19.89
CA PHE A 204 2.19 -4.54 -18.55
C PHE A 204 2.13 -6.05 -18.37
N VAL A 205 1.64 -6.79 -19.38
CA VAL A 205 1.49 -8.23 -19.23
C VAL A 205 2.85 -8.88 -19.00
N ILE A 206 3.86 -8.48 -19.76
N ILE A 206 3.86 -8.48 -19.76
CA ILE A 206 5.21 -8.98 -19.53
CA ILE A 206 5.21 -8.99 -19.54
C ILE A 206 5.71 -8.57 -18.16
C ILE A 206 5.71 -8.57 -18.15
N TYR A 207 5.39 -7.34 -17.74
CA TYR A 207 5.78 -6.89 -16.40
C TYR A 207 5.13 -7.72 -15.31
N MET A 208 3.86 -8.12 -15.51
CA MET A 208 3.14 -8.83 -14.47
C MET A 208 3.64 -10.26 -14.31
N PHE A 209 3.87 -10.97 -15.42
CA PHE A 209 4.30 -12.35 -15.32
C PHE A 209 5.74 -12.48 -14.82
N VAL A 210 6.59 -11.51 -15.15
CA VAL A 210 7.99 -11.60 -14.77
C VAL A 210 8.19 -11.15 -13.33
N VAL A 211 7.83 -9.90 -13.04
CA VAL A 211 8.05 -9.34 -11.70
C VAL A 211 7.08 -9.94 -10.69
N HIS A 212 5.85 -10.22 -11.10
CA HIS A 212 4.81 -10.62 -10.16
C HIS A 212 4.34 -12.06 -10.36
N PHE A 213 4.95 -12.82 -11.26
CA PHE A 213 4.69 -14.25 -11.18
C PHE A 213 5.94 -15.13 -11.20
N ILE A 214 6.94 -14.78 -12.01
N ILE A 214 6.94 -14.77 -12.01
CA ILE A 214 8.09 -15.67 -12.19
CA ILE A 214 8.09 -15.65 -12.20
C ILE A 214 9.16 -15.41 -11.15
C ILE A 214 9.16 -15.40 -11.14
N ILE A 215 9.47 -14.13 -10.90
N ILE A 215 9.47 -14.12 -10.90
CA ILE A 215 10.45 -13.80 -9.87
CA ILE A 215 10.45 -13.80 -9.86
C ILE A 215 10.03 -14.30 -8.49
C ILE A 215 10.03 -14.30 -8.49
N PRO A 216 8.78 -14.10 -8.03
CA PRO A 216 8.39 -14.68 -6.73
C PRO A 216 8.55 -16.20 -6.66
N LEU A 217 8.23 -16.92 -7.74
CA LEU A 217 8.40 -18.37 -7.73
C LEU A 217 9.87 -18.75 -7.69
N ILE A 218 10.72 -17.99 -8.37
CA ILE A 218 12.16 -18.25 -8.35
C ILE A 218 12.69 -18.14 -6.93
N VAL A 219 12.27 -17.11 -6.20
CA VAL A 219 12.69 -16.94 -4.81
C VAL A 219 12.19 -18.10 -3.96
N ILE A 220 10.92 -18.48 -4.14
CA ILE A 220 10.34 -19.53 -3.31
C ILE A 220 11.05 -20.86 -3.53
N PHE A 221 11.28 -21.22 -4.80
CA PHE A 221 11.89 -22.51 -5.10
C PHE A 221 13.40 -22.50 -4.88
N PHE A 222 14.03 -21.32 -4.79
CA PHE A 222 15.41 -21.29 -4.34
C PHE A 222 15.50 -21.64 -2.86
N CYS A 223 14.65 -21.03 -2.04
CA CYS A 223 14.66 -21.33 -0.61
C CYS A 223 14.30 -22.78 -0.35
N TYR A 224 13.30 -23.30 -1.07
CA TYR A 224 12.96 -24.72 -0.97
C TYR A 224 14.12 -25.60 -1.45
N GLY A 225 14.83 -25.14 -2.49
CA GLY A 225 16.01 -25.87 -2.93
C GLY A 225 17.07 -25.96 -1.85
N GLN A 226 17.24 -24.89 -1.07
CA GLN A 226 18.19 -24.92 0.04
C GLN A 226 17.69 -25.84 1.15
N LEU A 227 16.40 -25.77 1.48
CA LEU A 227 15.87 -26.59 2.55
C LEU A 227 16.06 -28.07 2.25
N VAL A 228 15.73 -28.48 1.03
CA VAL A 228 15.85 -29.90 0.67
C VAL A 228 17.31 -30.29 0.56
N PHE A 229 18.07 -29.56 -0.27
CA PHE A 229 19.41 -29.99 -0.66
C PHE A 229 20.49 -29.30 0.18
N THR A 230 20.38 -29.47 1.49
CA THR A 230 21.47 -29.16 2.42
C THR A 230 21.40 -30.11 3.62
N LYS A 246 10.79 -29.59 16.57
CA LYS A 246 9.56 -30.12 15.97
C LYS A 246 8.47 -29.06 15.93
N ALA A 247 8.70 -27.94 16.62
CA ALA A 247 7.86 -26.77 16.43
C ALA A 247 8.12 -26.15 15.07
N GLU A 248 9.40 -26.02 14.69
CA GLU A 248 9.72 -25.49 13.37
C GLU A 248 9.31 -26.44 12.26
N LYS A 249 9.30 -27.75 12.53
CA LYS A 249 8.82 -28.69 11.53
C LYS A 249 7.37 -28.42 11.15
N GLU A 250 6.54 -28.11 12.15
CA GLU A 250 5.13 -27.86 11.89
C GLU A 250 4.94 -26.65 10.98
N VAL A 251 5.68 -25.56 11.23
CA VAL A 251 5.56 -24.37 10.39
C VAL A 251 6.01 -24.68 8.97
N THR A 252 7.13 -25.38 8.82
CA THR A 252 7.66 -25.67 7.50
C THR A 252 6.69 -26.52 6.69
N ARG A 253 6.05 -27.50 7.34
CA ARG A 253 5.08 -28.35 6.65
C ARG A 253 3.89 -27.54 6.14
N MET A 254 3.40 -26.60 6.95
CA MET A 254 2.25 -25.80 6.54
C MET A 254 2.60 -24.90 5.36
N VAL A 255 3.78 -24.29 5.37
CA VAL A 255 4.19 -23.42 4.27
C VAL A 255 4.31 -24.23 2.98
N ILE A 256 4.78 -25.47 3.07
CA ILE A 256 4.80 -26.34 1.90
C ILE A 256 3.41 -26.48 1.31
N ILE A 257 2.40 -26.67 2.16
CA ILE A 257 1.03 -26.80 1.69
C ILE A 257 0.49 -25.48 1.17
N MET A 258 0.89 -24.36 1.78
CA MET A 258 0.46 -23.05 1.28
C MET A 258 0.96 -22.81 -0.15
N VAL A 259 2.21 -23.20 -0.44
CA VAL A 259 2.74 -23.06 -1.79
C VAL A 259 1.96 -23.94 -2.77
N ILE A 260 1.72 -25.20 -2.38
CA ILE A 260 0.98 -26.11 -3.26
C ILE A 260 -0.44 -25.60 -3.47
N ALA A 261 -1.10 -25.17 -2.40
CA ALA A 261 -2.47 -24.67 -2.53
C ALA A 261 -2.54 -23.44 -3.42
N PHE A 262 -1.54 -22.56 -3.30
CA PHE A 262 -1.49 -21.39 -4.17
C PHE A 262 -1.35 -21.80 -5.63
N LEU A 263 -0.46 -22.76 -5.91
CA LEU A 263 -0.22 -23.17 -7.29
C LEU A 263 -1.45 -23.81 -7.91
N ILE A 264 -2.16 -24.65 -7.15
CA ILE A 264 -3.41 -25.22 -7.65
C ILE A 264 -4.40 -24.11 -7.95
N CYS A 265 -4.50 -23.13 -7.05
CA CYS A 265 -5.48 -22.05 -7.21
C CYS A 265 -5.21 -21.22 -8.46
N TRP A 266 -3.95 -20.87 -8.70
CA TRP A 266 -3.64 -19.83 -9.67
C TRP A 266 -3.03 -20.31 -10.98
N LEU A 267 -2.39 -21.48 -11.01
CA LEU A 267 -1.78 -21.95 -12.24
C LEU A 267 -2.77 -22.10 -13.39
N PRO A 268 -3.95 -22.70 -13.21
CA PRO A 268 -4.90 -22.74 -14.34
C PRO A 268 -5.27 -21.37 -14.87
N TYR A 269 -5.47 -20.39 -13.99
CA TYR A 269 -5.75 -19.04 -14.46
C TYR A 269 -4.53 -18.43 -15.14
N ALA A 270 -3.35 -18.62 -14.55
CA ALA A 270 -2.14 -18.06 -15.14
C ALA A 270 -1.84 -18.69 -16.49
N GLY A 271 -2.05 -20.01 -16.61
CA GLY A 271 -1.77 -20.67 -17.88
C GLY A 271 -2.72 -20.23 -18.98
N VAL A 272 -4.01 -20.15 -18.67
CA VAL A 272 -4.99 -19.75 -19.68
C VAL A 272 -4.78 -18.30 -20.08
N ALA A 273 -4.48 -17.44 -19.10
CA ALA A 273 -4.22 -16.04 -19.42
C ALA A 273 -3.02 -15.90 -20.35
N PHE A 274 -1.94 -16.63 -20.07
CA PHE A 274 -0.77 -16.55 -20.94
C PHE A 274 -1.06 -17.14 -22.32
N TYR A 275 -1.87 -18.20 -22.39
CA TYR A 275 -2.24 -18.72 -23.69
C TYR A 275 -3.01 -17.67 -24.50
N ILE A 276 -3.95 -16.98 -23.86
CA ILE A 276 -4.72 -15.95 -24.55
C ILE A 276 -3.80 -14.81 -24.99
N PHE A 277 -2.90 -14.40 -24.11
CA PHE A 277 -1.99 -13.29 -24.43
C PHE A 277 -1.17 -13.57 -25.68
N THR A 278 -0.77 -14.83 -25.87
CA THR A 278 0.03 -15.22 -27.04
C THR A 278 -0.81 -15.72 -28.21
N HIS A 279 -2.12 -15.85 -28.03
CA HIS A 279 -3.04 -16.24 -29.09
C HIS A 279 -4.24 -15.30 -29.14
N GLN A 280 -3.96 -14.00 -29.14
CA GLN A 280 -5.03 -13.01 -29.21
C GLN A 280 -5.85 -13.19 -30.49
N GLY A 281 -7.16 -13.06 -30.35
CA GLY A 281 -8.08 -13.17 -31.47
C GLY A 281 -8.42 -14.59 -31.88
N SER A 282 -7.78 -15.59 -31.29
CA SER A 282 -8.04 -16.98 -31.66
C SER A 282 -9.42 -17.41 -31.19
N ASP A 283 -9.82 -18.61 -31.60
CA ASP A 283 -11.17 -19.11 -31.36
C ASP A 283 -11.23 -19.76 -29.99
N PHE A 284 -11.76 -19.02 -29.01
CA PHE A 284 -12.12 -19.60 -27.71
C PHE A 284 -13.45 -19.01 -27.27
N GLY A 285 -14.18 -19.79 -26.48
CA GLY A 285 -15.51 -19.42 -26.05
C GLY A 285 -15.54 -18.86 -24.64
N PRO A 286 -16.74 -18.52 -24.17
CA PRO A 286 -16.86 -17.91 -22.83
C PRO A 286 -16.45 -18.83 -21.69
N ILE A 287 -16.66 -20.14 -21.80
CA ILE A 287 -16.35 -21.04 -20.70
C ILE A 287 -14.84 -21.19 -20.51
N PHE A 288 -14.04 -20.91 -21.55
CA PHE A 288 -12.62 -21.21 -21.52
C PHE A 288 -11.91 -20.49 -20.36
N MET A 289 -12.21 -19.19 -20.18
CA MET A 289 -11.63 -18.45 -19.07
C MET A 289 -12.52 -18.41 -17.84
N THR A 290 -13.83 -18.65 -17.99
CA THR A 290 -14.75 -18.51 -16.86
C THR A 290 -14.38 -19.45 -15.72
N ILE A 291 -14.12 -20.72 -16.03
N ILE A 291 -14.14 -20.74 -16.04
CA ILE A 291 -13.84 -21.72 -14.99
CA ILE A 291 -13.84 -21.71 -14.99
C ILE A 291 -12.55 -21.40 -14.24
C ILE A 291 -12.55 -21.39 -14.25
N PRO A 292 -11.41 -21.15 -14.92
CA PRO A 292 -10.21 -20.77 -14.16
C PRO A 292 -10.37 -19.47 -13.39
N ALA A 293 -11.14 -18.52 -13.93
CA ALA A 293 -11.28 -17.22 -13.30
C ALA A 293 -12.07 -17.31 -12.00
N PHE A 294 -13.11 -18.15 -11.97
CA PHE A 294 -13.89 -18.29 -10.76
C PHE A 294 -13.31 -19.31 -9.80
N PHE A 295 -12.58 -20.30 -10.30
CA PHE A 295 -11.87 -21.21 -9.42
C PHE A 295 -10.82 -20.47 -8.61
N ALA A 296 -10.14 -19.50 -9.23
CA ALA A 296 -9.11 -18.73 -8.53
C ALA A 296 -9.67 -17.91 -7.38
N LYS A 297 -10.98 -17.67 -7.35
CA LYS A 297 -11.58 -16.86 -6.29
C LYS A 297 -11.70 -17.60 -4.97
N THR A 298 -11.50 -18.93 -4.94
CA THR A 298 -11.34 -19.62 -3.67
C THR A 298 -10.09 -19.15 -2.93
N SER A 299 -9.27 -18.31 -3.55
CA SER A 299 -8.07 -17.80 -2.91
C SER A 299 -8.38 -17.01 -1.65
N ALA A 300 -9.60 -16.51 -1.50
CA ALA A 300 -9.94 -15.70 -0.34
C ALA A 300 -10.36 -16.53 0.86
N VAL A 301 -10.45 -17.85 0.74
N VAL A 301 -10.45 -17.86 0.75
CA VAL A 301 -10.98 -18.68 1.82
CA VAL A 301 -10.96 -18.66 1.84
C VAL A 301 -10.00 -19.77 2.24
C VAL A 301 -10.00 -19.78 2.24
N TYR A 302 -9.15 -20.22 1.30
CA TYR A 302 -8.42 -21.47 1.54
C TYR A 302 -7.28 -21.32 2.55
N ASN A 303 -6.62 -20.17 2.59
CA ASN A 303 -5.46 -20.03 3.48
C ASN A 303 -5.81 -20.19 4.96
N PRO A 304 -6.88 -19.60 5.49
CA PRO A 304 -7.24 -19.90 6.89
C PRO A 304 -7.59 -21.36 7.12
N VAL A 305 -8.11 -22.07 6.12
CA VAL A 305 -8.44 -23.47 6.30
C VAL A 305 -7.18 -24.30 6.56
N ILE A 306 -6.14 -24.05 5.78
CA ILE A 306 -4.85 -24.72 6.01
C ILE A 306 -4.32 -24.35 7.39
N TYR A 307 -4.52 -23.09 7.80
CA TYR A 307 -4.09 -22.62 9.11
C TYR A 307 -4.69 -23.48 10.22
N ILE A 308 -6.01 -23.68 10.19
CA ILE A 308 -6.69 -24.41 11.25
C ILE A 308 -6.25 -25.87 11.26
N MET A 309 -6.09 -26.47 10.08
CA MET A 309 -5.74 -27.88 10.02
C MET A 309 -4.29 -28.14 10.44
N MET A 310 -3.38 -27.21 10.15
CA MET A 310 -1.95 -27.50 10.26
C MET A 310 -1.20 -26.65 11.27
N ASN A 311 -1.89 -25.87 12.10
CA ASN A 311 -1.24 -25.18 13.21
C ASN A 311 -1.96 -25.55 14.49
N LYS A 312 -1.32 -26.37 15.31
CA LYS A 312 -1.92 -26.82 16.57
C LYS A 312 -2.19 -25.64 17.50
N GLN A 313 -1.25 -24.69 17.57
CA GLN A 313 -1.40 -23.57 18.48
C GLN A 313 -2.59 -22.70 18.09
N PHE A 314 -2.69 -22.34 16.81
CA PHE A 314 -3.79 -21.48 16.37
C PHE A 314 -5.13 -22.17 16.49
N ARG A 315 -5.18 -23.47 16.16
CA ARG A 315 -6.44 -24.21 16.29
C ARG A 315 -6.91 -24.23 17.74
N ASN A 316 -5.98 -24.45 18.68
CA ASN A 316 -6.35 -24.44 20.10
C ASN A 316 -6.82 -23.07 20.55
N CYS A 317 -6.13 -22.00 20.11
CA CYS A 317 -6.56 -20.65 20.49
C CYS A 317 -7.93 -20.32 19.92
N MET A 318 -8.20 -20.76 18.69
CA MET A 318 -9.50 -20.49 18.08
C MET A 318 -10.62 -21.22 18.81
N VAL A 319 -10.40 -22.48 19.17
CA VAL A 319 -11.39 -23.22 19.95
C VAL A 319 -11.56 -22.57 21.32
N THR A 320 -10.47 -22.09 21.92
CA THR A 320 -10.55 -21.39 23.19
C THR A 320 -11.45 -20.16 23.09
N THR A 321 -11.21 -19.31 22.09
CA THR A 321 -11.98 -18.08 21.95
C THR A 321 -13.42 -18.37 21.56
N LEU A 322 -13.64 -19.29 20.62
CA LEU A 322 -14.99 -19.58 20.15
C LEU A 322 -15.82 -20.34 21.17
N CYS A 323 -15.21 -20.89 22.21
CA CYS A 323 -15.92 -21.71 23.19
C CYS A 323 -15.65 -21.24 24.61
N MET B 2 10.10 -0.77 33.20
CA MET B 2 10.34 -0.22 31.87
C MET B 2 11.52 -0.89 31.20
N ASN B 3 11.37 -1.21 29.92
CA ASN B 3 12.40 -1.91 29.17
C ASN B 3 13.37 -0.98 28.46
N GLY B 4 13.15 0.32 28.52
CA GLY B 4 14.09 1.28 27.96
C GLY B 4 14.66 2.15 29.06
N THR B 5 15.29 3.26 28.68
CA THR B 5 15.85 4.21 29.62
C THR B 5 15.21 5.57 29.38
N GLU B 6 14.63 6.16 30.42
CA GLU B 6 14.04 7.48 30.33
C GLU B 6 15.00 8.51 30.90
N GLY B 7 15.31 9.53 30.10
CA GLY B 7 16.09 10.65 30.56
C GLY B 7 15.23 11.88 30.67
N PRO B 8 15.84 13.03 30.97
CA PRO B 8 15.06 14.28 31.07
C PRO B 8 14.34 14.64 29.78
N ASN B 9 14.99 14.41 28.62
CA ASN B 9 14.43 14.81 27.34
C ASN B 9 14.63 13.73 26.28
N PHE B 10 14.68 12.46 26.69
CA PHE B 10 14.88 11.39 25.74
C PHE B 10 14.30 10.10 26.31
N TYR B 11 14.08 9.13 25.41
CA TYR B 11 13.69 7.78 25.80
C TYR B 11 14.44 6.82 24.88
N VAL B 12 15.50 6.21 25.40
CA VAL B 12 16.33 5.29 24.63
C VAL B 12 15.71 3.91 24.70
N PRO B 13 15.33 3.31 23.56
CA PRO B 13 14.77 1.95 23.60
C PRO B 13 15.83 0.89 23.89
N PHE B 14 16.54 1.05 25.00
CA PHE B 14 17.62 0.15 25.38
C PHE B 14 17.73 0.14 26.90
N SER B 15 17.90 -1.05 27.47
CA SER B 15 17.96 -1.19 28.92
C SER B 15 19.31 -0.73 29.44
N ASN B 16 19.30 0.08 30.50
CA ASN B 16 20.52 0.49 31.17
C ASN B 16 20.89 -0.42 32.34
N LYS B 17 20.46 -1.68 32.30
CA LYS B 17 20.81 -2.60 33.38
C LYS B 17 22.29 -2.95 33.40
N THR B 18 23.00 -2.67 32.30
CA THR B 18 24.45 -2.82 32.25
C THR B 18 25.19 -1.49 32.29
N GLY B 19 24.47 -0.36 32.36
CA GLY B 19 25.09 0.92 32.57
C GLY B 19 25.66 1.60 31.35
N VAL B 20 25.44 1.07 30.14
CA VAL B 20 26.10 1.62 28.97
C VAL B 20 25.34 2.79 28.33
N VAL B 21 24.04 2.93 28.63
CA VAL B 21 23.22 3.91 27.93
C VAL B 21 23.71 5.32 28.24
N ARG B 22 23.84 6.13 27.19
CA ARG B 22 24.20 7.54 27.33
C ARG B 22 23.22 8.38 26.51
N SER B 23 23.08 9.64 26.90
CA SER B 23 22.09 10.52 26.30
C SER B 23 22.38 10.69 24.81
N PRO B 24 21.35 10.67 23.95
CA PRO B 24 21.58 10.91 22.52
C PRO B 24 21.90 12.37 22.20
N PHE B 25 22.01 13.24 23.19
CA PHE B 25 22.49 14.59 23.00
C PHE B 25 23.91 14.78 23.54
N GLU B 26 24.56 13.71 23.96
CA GLU B 26 25.88 13.80 24.58
C GLU B 26 26.94 12.94 23.91
N ALA B 27 26.59 11.72 23.50
CA ALA B 27 27.61 10.76 23.08
C ALA B 27 27.07 9.90 21.97
N PRO B 28 27.94 9.36 21.11
CA PRO B 28 27.47 8.46 20.06
C PRO B 28 26.76 7.25 20.64
N GLN B 29 25.74 6.78 19.92
CA GLN B 29 24.88 5.70 20.38
C GLN B 29 25.34 4.34 19.87
N TYR B 30 26.65 4.16 19.78
CA TYR B 30 27.22 2.91 19.28
C TYR B 30 26.90 1.72 20.19
N TYR B 31 26.49 1.97 21.43
CA TYR B 31 26.18 0.88 22.36
C TYR B 31 24.92 0.12 21.98
N LEU B 32 24.09 0.66 21.08
CA LEU B 32 22.86 -0.01 20.67
C LEU B 32 22.84 -0.44 19.21
N ALA B 33 23.79 0.00 18.39
CA ALA B 33 23.88 -0.43 17.01
C ALA B 33 25.32 -0.25 16.53
N GLU B 34 25.71 -1.07 15.55
N GLU B 34 25.70 -1.06 15.55
CA GLU B 34 27.06 -1.00 15.04
CA GLU B 34 27.04 -1.01 15.00
C GLU B 34 27.26 0.26 14.20
C GLU B 34 27.24 0.29 14.21
N PRO B 35 28.48 0.78 14.11
CA PRO B 35 28.71 2.01 13.33
C PRO B 35 28.33 1.88 11.87
N TRP B 36 28.45 0.69 11.28
CA TRP B 36 28.03 0.54 9.88
C TRP B 36 26.53 0.75 9.73
N GLN B 37 25.75 0.49 10.79
CA GLN B 37 24.32 0.78 10.74
C GLN B 37 24.07 2.28 10.64
N PHE B 38 24.78 3.07 11.45
CA PHE B 38 24.64 4.52 11.37
C PHE B 38 25.13 5.06 10.03
N SER B 39 26.14 4.41 9.43
N SER B 39 26.15 4.41 9.44
CA SER B 39 26.62 4.85 8.13
CA SER B 39 26.64 4.83 8.13
C SER B 39 25.59 4.64 7.04
C SER B 39 25.55 4.66 7.06
N MET B 40 24.77 3.59 7.16
CA MET B 40 23.70 3.36 6.19
C MET B 40 22.63 4.45 6.26
N LEU B 41 22.29 4.89 7.47
CA LEU B 41 21.35 6.00 7.60
C LEU B 41 21.91 7.27 6.95
N ALA B 42 23.19 7.56 7.19
CA ALA B 42 23.81 8.76 6.63
C ALA B 42 23.87 8.71 5.11
N ALA B 43 24.24 7.56 4.54
CA ALA B 43 24.26 7.42 3.09
C ALA B 43 22.85 7.52 2.52
N TYR B 44 21.87 6.95 3.21
CA TYR B 44 20.47 7.06 2.81
C TYR B 44 20.03 8.52 2.80
N MET B 45 20.33 9.25 3.87
CA MET B 45 19.95 10.66 3.93
C MET B 45 20.69 11.50 2.91
N PHE B 46 21.96 11.16 2.62
CA PHE B 46 22.71 11.89 1.62
C PHE B 46 22.06 11.76 0.24
N LEU B 47 21.61 10.55 -0.10
N LEU B 47 21.61 10.55 -0.10
CA LEU B 47 20.93 10.35 -1.37
CA LEU B 47 20.93 10.35 -1.37
C LEU B 47 19.63 11.15 -1.43
C LEU B 47 19.62 11.14 -1.43
N LEU B 48 18.87 11.16 -0.33
CA LEU B 48 17.61 11.90 -0.31
C LEU B 48 17.83 13.39 -0.49
N ILE B 49 18.88 13.93 0.12
CA ILE B 49 19.19 15.35 -0.06
C ILE B 49 19.58 15.63 -1.51
N MET B 50 20.44 14.79 -2.09
CA MET B 50 20.96 15.05 -3.42
C MET B 50 19.92 14.82 -4.51
N LEU B 51 18.89 14.01 -4.25
CA LEU B 51 17.77 13.90 -5.18
C LEU B 51 16.66 14.87 -4.82
N GLY B 52 16.45 15.12 -3.53
CA GLY B 52 15.32 15.93 -3.11
C GLY B 52 15.41 17.38 -3.56
N PHE B 53 16.59 17.99 -3.39
CA PHE B 53 16.74 19.39 -3.79
C PHE B 53 16.52 19.61 -5.28
N PRO B 54 17.17 18.88 -6.19
CA PRO B 54 16.96 19.18 -7.62
C PRO B 54 15.55 18.93 -8.10
N ILE B 55 14.98 17.76 -7.81
CA ILE B 55 13.67 17.43 -8.35
C ILE B 55 12.58 18.31 -7.76
N ASN B 56 12.78 18.86 -6.57
CA ASN B 56 11.80 19.79 -6.03
C ASN B 56 12.05 21.21 -6.53
N PHE B 57 13.31 21.60 -6.65
CA PHE B 57 13.62 22.91 -7.23
C PHE B 57 13.18 22.97 -8.68
N LEU B 58 13.40 21.89 -9.43
N LEU B 58 13.40 21.89 -9.44
CA LEU B 58 12.96 21.86 -10.82
CA LEU B 58 12.96 21.86 -10.82
C LEU B 58 11.44 21.94 -10.92
C LEU B 58 11.44 21.94 -10.92
N THR B 59 10.73 21.26 -10.01
CA THR B 59 9.28 21.35 -9.99
C THR B 59 8.82 22.78 -9.72
N LEU B 60 9.48 23.46 -8.78
CA LEU B 60 9.17 24.87 -8.53
C LEU B 60 9.49 25.72 -9.75
N TYR B 61 10.70 25.55 -10.32
CA TYR B 61 11.15 26.40 -11.40
C TYR B 61 10.26 26.28 -12.63
N VAL B 62 9.89 25.04 -13.00
CA VAL B 62 9.06 24.83 -14.18
C VAL B 62 7.70 25.50 -14.00
N THR B 63 7.09 25.29 -12.83
CA THR B 63 5.74 25.82 -12.60
C THR B 63 5.72 27.34 -12.71
N VAL B 64 6.72 28.01 -12.13
CA VAL B 64 6.78 29.47 -12.20
C VAL B 64 7.06 29.94 -13.62
N GLN B 65 7.90 29.22 -14.36
N GLN B 65 7.90 29.21 -14.36
CA GLN B 65 8.32 29.65 -15.69
CA GLN B 65 8.32 29.65 -15.69
C GLN B 65 7.24 29.46 -16.75
C GLN B 65 7.26 29.43 -16.75
N HIS B 66 6.16 28.76 -16.43
CA HIS B 66 5.09 28.49 -17.39
C HIS B 66 3.76 28.95 -16.81
N LYS B 67 3.21 30.04 -17.35
CA LYS B 67 1.93 30.56 -16.88
C LYS B 67 0.77 29.64 -17.24
N LYS B 68 0.98 28.64 -18.11
CA LYS B 68 -0.07 27.69 -18.44
C LYS B 68 -0.36 26.73 -17.29
N LEU B 69 0.55 26.62 -16.32
CA LEU B 69 0.41 25.68 -15.21
C LEU B 69 -0.19 26.42 -14.02
N ARG B 70 -1.50 26.64 -14.08
CA ARG B 70 -2.20 27.36 -13.02
C ARG B 70 -3.51 26.68 -12.61
N THR B 71 -3.63 25.37 -12.85
CA THR B 71 -4.76 24.61 -12.34
C THR B 71 -4.58 24.37 -10.84
N PRO B 72 -5.64 23.96 -10.13
CA PRO B 72 -5.47 23.61 -8.72
C PRO B 72 -4.39 22.57 -8.48
N LEU B 73 -4.28 21.57 -9.35
CA LEU B 73 -3.23 20.57 -9.20
C LEU B 73 -1.84 21.20 -9.30
N ASN B 74 -1.66 22.13 -10.24
CA ASN B 74 -0.37 22.79 -10.38
C ASN B 74 0.00 23.57 -9.12
N TYR B 75 -0.96 24.30 -8.54
CA TYR B 75 -0.69 25.05 -7.32
C TYR B 75 -0.33 24.11 -6.17
N ILE B 76 -1.07 23.01 -6.02
CA ILE B 76 -0.85 22.11 -4.89
C ILE B 76 0.52 21.44 -5.00
N LEU B 77 0.93 21.09 -6.22
CA LEU B 77 2.24 20.47 -6.40
C LEU B 77 3.37 21.48 -6.23
N LEU B 78 3.15 22.74 -6.63
CA LEU B 78 4.12 23.79 -6.35
C LEU B 78 4.26 24.00 -4.85
N ASN B 79 3.15 23.97 -4.13
CA ASN B 79 3.18 24.09 -2.68
C ASN B 79 3.95 22.92 -2.05
N LEU B 80 3.79 21.72 -2.62
CA LEU B 80 4.51 20.56 -2.10
C LEU B 80 6.01 20.67 -2.35
N ALA B 81 6.39 21.13 -3.54
CA ALA B 81 7.81 21.32 -3.84
C ALA B 81 8.45 22.28 -2.85
N VAL B 82 7.72 23.32 -2.45
CA VAL B 82 8.24 24.27 -1.48
C VAL B 82 8.39 23.61 -0.11
N ALA B 83 7.37 22.88 0.33
CA ALA B 83 7.44 22.22 1.63
C ALA B 83 8.51 21.15 1.64
N ASP B 84 8.70 20.45 0.52
CA ASP B 84 9.76 19.45 0.43
C ASP B 84 11.14 20.10 0.58
N LEU B 85 11.34 21.26 -0.05
CA LEU B 85 12.61 21.96 0.09
C LEU B 85 12.87 22.37 1.54
N PHE B 86 11.83 22.81 2.24
CA PHE B 86 11.96 23.08 3.66
C PHE B 86 12.36 21.82 4.42
N MET B 87 11.79 20.67 4.05
CA MET B 87 12.19 19.40 4.65
C MET B 87 13.66 19.11 4.38
N VAL B 88 14.09 19.27 3.12
CA VAL B 88 15.44 18.89 2.73
C VAL B 88 16.47 19.78 3.42
N PHE B 89 16.28 21.10 3.37
CA PHE B 89 17.29 22.01 3.90
C PHE B 89 17.11 22.29 5.38
N GLY B 90 15.86 22.42 5.85
CA GLY B 90 15.63 22.69 7.24
C GLY B 90 15.83 21.49 8.15
N GLY B 91 15.32 20.33 7.74
CA GLY B 91 15.42 19.14 8.57
C GLY B 91 16.44 18.10 8.16
N PHE B 92 16.53 17.79 6.87
CA PHE B 92 17.36 16.67 6.43
C PHE B 92 18.84 16.93 6.65
N THR B 93 19.26 18.20 6.57
CA THR B 93 20.66 18.51 6.83
C THR B 93 21.06 18.14 8.26
N THR B 94 20.16 18.34 9.22
CA THR B 94 20.40 17.88 10.58
C THR B 94 20.44 16.35 10.64
N THR B 95 19.54 15.68 9.91
CA THR B 95 19.50 14.22 9.91
C THR B 95 20.82 13.64 9.43
N LEU B 96 21.37 14.19 8.34
CA LEU B 96 22.62 13.69 7.79
C LEU B 96 23.78 13.92 8.76
N TYR B 97 23.88 15.13 9.31
CA TYR B 97 24.92 15.42 10.28
C TYR B 97 24.77 14.56 11.52
N THR B 98 23.53 14.37 11.98
CA THR B 98 23.26 13.51 13.13
C THR B 98 23.69 12.07 12.84
N SER B 99 23.31 11.55 11.66
CA SER B 99 23.64 10.17 11.33
C SER B 99 25.14 9.97 11.17
N LEU B 100 25.86 10.99 10.68
CA LEU B 100 27.30 10.86 10.48
C LEU B 100 28.02 10.63 11.80
N HIS B 101 27.61 11.32 12.86
CA HIS B 101 28.22 11.19 14.17
C HIS B 101 27.53 10.17 15.07
N GLY B 102 26.33 9.72 14.71
CA GLY B 102 25.63 8.76 15.52
C GLY B 102 24.93 9.33 16.74
N TYR B 103 24.74 10.65 16.80
CA TYR B 103 24.00 11.28 17.88
C TYR B 103 23.79 12.75 17.51
N PHE B 104 22.88 13.39 18.26
CA PHE B 104 22.48 14.77 17.96
C PHE B 104 23.52 15.72 18.52
N VAL B 105 24.54 16.00 17.70
CA VAL B 105 25.59 16.94 18.07
C VAL B 105 24.99 18.31 18.38
N PHE B 106 24.01 18.72 17.58
CA PHE B 106 23.32 19.99 17.78
C PHE B 106 22.47 20.02 19.05
N GLY B 107 22.43 18.95 19.82
CA GLY B 107 21.62 18.89 21.01
C GLY B 107 20.14 18.93 20.68
N PRO B 108 19.32 19.32 21.66
CA PRO B 108 17.86 19.34 21.43
C PRO B 108 17.42 20.28 20.33
N THR B 109 18.21 21.31 19.99
CA THR B 109 17.82 22.23 18.92
C THR B 109 17.82 21.53 17.57
N GLY B 110 18.83 20.70 17.31
CA GLY B 110 18.83 19.91 16.08
C GLY B 110 17.66 18.94 16.03
N CYS B 111 17.31 18.36 17.18
CA CYS B 111 16.15 17.48 17.26
C CYS B 111 14.87 18.25 16.92
N ASN B 112 14.75 19.48 17.43
CA ASN B 112 13.60 20.31 17.09
C ASN B 112 13.55 20.59 15.59
N LEU B 113 14.70 20.89 14.99
CA LEU B 113 14.75 21.14 13.54
C LEU B 113 14.35 19.90 12.77
N GLU B 114 14.92 18.75 13.11
CA GLU B 114 14.66 17.52 12.36
C GLU B 114 13.20 17.12 12.46
N GLY B 115 12.63 17.16 13.66
CA GLY B 115 11.25 16.73 13.83
C GLY B 115 10.23 17.72 13.26
N PHE B 116 10.45 19.01 13.49
CA PHE B 116 9.44 20.01 13.12
C PHE B 116 9.28 20.10 11.61
N PHE B 117 10.40 20.15 10.87
CA PHE B 117 10.29 20.32 9.42
C PHE B 117 9.74 19.07 8.75
N ALA B 118 10.03 17.88 9.28
CA ALA B 118 9.44 16.66 8.73
C ALA B 118 7.98 16.53 9.14
N THR B 119 7.62 16.96 10.34
CA THR B 119 6.22 16.98 10.74
C THR B 119 5.45 18.02 9.94
N LEU B 120 6.05 19.19 9.69
CA LEU B 120 5.41 20.22 8.88
C LEU B 120 5.21 19.74 7.45
N GLY B 121 6.27 19.24 6.81
CA GLY B 121 6.16 18.80 5.44
C GLY B 121 5.17 17.65 5.26
N GLY B 122 5.16 16.72 6.22
CA GLY B 122 4.21 15.62 6.15
C GLY B 122 2.78 16.09 6.29
N GLU B 123 2.53 17.05 7.18
CA GLU B 123 1.18 17.56 7.38
C GLU B 123 0.74 18.48 6.25
N ILE B 124 1.68 19.21 5.62
CA ILE B 124 1.33 19.97 4.42
C ILE B 124 0.85 19.03 3.32
N ALA B 125 1.54 17.90 3.15
CA ALA B 125 1.13 16.92 2.15
C ALA B 125 -0.24 16.33 2.48
N LEU B 126 -0.47 15.97 3.74
CA LEU B 126 -1.74 15.34 4.10
C LEU B 126 -2.92 16.29 3.88
N TRP B 127 -2.79 17.53 4.33
CA TRP B 127 -3.87 18.48 4.11
C TRP B 127 -3.95 18.92 2.65
N SER B 128 -2.85 18.81 1.89
CA SER B 128 -2.93 19.03 0.45
C SER B 128 -3.84 18.00 -0.22
N LEU B 129 -3.83 16.76 0.27
CA LEU B 129 -4.69 15.74 -0.29
C LEU B 129 -6.15 16.00 0.05
N VAL B 130 -6.41 16.59 1.22
CA VAL B 130 -7.77 17.01 1.55
C VAL B 130 -8.26 18.06 0.57
N VAL B 131 -7.39 19.02 0.23
CA VAL B 131 -7.76 20.07 -0.73
C VAL B 131 -7.97 19.46 -2.11
N LEU B 132 -7.15 18.47 -2.48
CA LEU B 132 -7.30 17.84 -3.79
C LEU B 132 -8.55 16.99 -3.87
N ALA B 133 -8.89 16.27 -2.80
CA ALA B 133 -10.08 15.43 -2.82
C ALA B 133 -11.35 16.27 -2.96
N ILE B 134 -11.42 17.38 -2.22
CA ILE B 134 -12.56 18.28 -2.33
C ILE B 134 -12.64 18.86 -3.73
N GLU B 135 -11.49 19.22 -4.30
CA GLU B 135 -11.47 19.76 -5.67
C GLU B 135 -12.00 18.74 -6.67
N ARG B 136 -11.53 17.49 -6.58
CA ARG B 136 -12.01 16.45 -7.48
C ARG B 136 -13.50 16.20 -7.27
N TYR B 137 -13.96 16.28 -6.02
CA TYR B 137 -15.38 16.10 -5.73
C TYR B 137 -16.20 17.20 -6.39
N VAL B 138 -15.81 18.47 -6.20
CA VAL B 138 -16.54 19.57 -6.80
C VAL B 138 -16.48 19.48 -8.32
N VAL B 139 -15.31 19.18 -8.87
CA VAL B 139 -15.13 19.16 -10.32
C VAL B 139 -15.93 18.03 -10.95
N VAL B 140 -15.78 16.82 -10.42
CA VAL B 140 -16.35 15.65 -11.09
C VAL B 140 -17.82 15.45 -10.71
N CYS B 141 -18.15 15.55 -9.42
CA CYS B 141 -19.53 15.35 -9.01
C CYS B 141 -20.41 16.55 -9.27
N LYS B 142 -19.83 17.72 -9.50
N LYS B 142 -19.84 17.72 -9.50
CA LYS B 142 -20.54 18.98 -9.75
CA LYS B 142 -20.54 18.98 -9.76
C LYS B 142 -21.71 19.18 -8.79
C LYS B 142 -21.71 19.19 -8.80
N PRO B 143 -21.46 19.22 -7.47
CA PRO B 143 -22.56 19.39 -6.52
C PRO B 143 -22.85 20.86 -6.23
N ARG B 148 -17.76 26.43 -8.94
CA ARG B 148 -16.55 26.01 -9.64
C ARG B 148 -15.30 26.29 -8.81
N PHE B 149 -14.40 25.30 -8.77
CA PHE B 149 -13.15 25.38 -8.02
C PHE B 149 -12.11 26.02 -8.93
N GLY B 150 -11.82 27.30 -8.69
CA GLY B 150 -10.91 28.05 -9.52
C GLY B 150 -9.57 28.28 -8.86
N GLU B 151 -8.85 29.31 -9.35
CA GLU B 151 -7.55 29.63 -8.81
C GLU B 151 -7.64 30.18 -7.39
N ASN B 152 -8.67 30.98 -7.11
CA ASN B 152 -8.82 31.54 -5.76
C ASN B 152 -8.96 30.44 -4.72
N HIS B 153 -9.73 29.40 -5.04
CA HIS B 153 -9.91 28.30 -4.09
C HIS B 153 -8.64 27.45 -3.98
N ALA B 154 -7.89 27.33 -5.07
CA ALA B 154 -6.61 26.61 -5.01
C ALA B 154 -5.63 27.33 -4.10
N ILE B 155 -5.50 28.65 -4.27
CA ILE B 155 -4.57 29.43 -3.45
C ILE B 155 -5.02 29.46 -1.99
N MET B 156 -6.33 29.55 -1.77
CA MET B 156 -6.84 29.49 -0.40
C MET B 156 -6.56 28.14 0.23
N GLY B 157 -6.66 27.06 -0.55
CA GLY B 157 -6.28 25.75 -0.05
C GLY B 157 -4.81 25.67 0.31
N VAL B 158 -3.95 26.37 -0.43
CA VAL B 158 -2.52 26.36 -0.14
C VAL B 158 -2.26 26.99 1.24
N ALA B 159 -2.85 28.15 1.49
CA ALA B 159 -2.68 28.79 2.79
C ALA B 159 -3.30 27.94 3.89
N PHE B 160 -4.44 27.31 3.60
CA PHE B 160 -5.09 26.46 4.59
C PHE B 160 -4.19 25.30 5.02
N THR B 161 -3.46 24.70 4.07
CA THR B 161 -2.58 23.58 4.40
C THR B 161 -1.48 24.01 5.36
N TRP B 162 -0.90 25.20 5.14
CA TRP B 162 0.15 25.69 6.05
C TRP B 162 -0.42 25.96 7.44
N VAL B 163 -1.64 26.49 7.52
CA VAL B 163 -2.24 26.78 8.82
C VAL B 163 -2.45 25.48 9.60
N MET B 164 -2.99 24.45 8.93
CA MET B 164 -3.26 23.20 9.61
C MET B 164 -1.96 22.47 9.96
N ALA B 165 -0.98 22.51 9.07
CA ALA B 165 0.30 21.86 9.35
C ALA B 165 1.01 22.52 10.52
N LEU B 166 0.99 23.86 10.56
CA LEU B 166 1.60 24.58 11.69
C LEU B 166 0.86 24.28 12.99
N ALA B 167 -0.46 24.14 12.93
CA ALA B 167 -1.23 23.79 14.12
C ALA B 167 -0.83 22.43 14.69
N CYS B 168 -0.16 21.60 13.88
CA CYS B 168 0.34 20.30 14.30
C CYS B 168 1.83 20.32 14.60
N ALA B 169 2.64 20.95 13.74
CA ALA B 169 4.09 20.91 13.91
C ALA B 169 4.59 21.86 14.99
N ALA B 170 3.93 23.00 15.18
CA ALA B 170 4.45 24.09 16.03
C ALA B 170 4.28 23.88 17.54
N PRO B 171 3.15 23.38 18.05
CA PRO B 171 2.97 23.27 19.51
C PRO B 171 4.09 22.51 20.20
N PRO B 172 4.63 21.42 19.63
CA PRO B 172 5.76 20.76 20.29
C PRO B 172 7.00 21.63 20.43
N LEU B 173 7.10 22.71 19.66
CA LEU B 173 8.21 23.64 19.85
C LEU B 173 8.02 24.52 21.08
N VAL B 174 6.78 24.70 21.55
CA VAL B 174 6.51 25.75 22.52
C VAL B 174 5.72 25.27 23.74
N GLY B 175 5.76 23.98 24.04
CA GLY B 175 5.27 23.50 25.32
C GLY B 175 4.11 22.51 25.30
N TRP B 176 3.58 22.12 24.15
CA TRP B 176 2.55 21.09 24.07
C TRP B 176 3.14 19.88 23.35
N SER B 177 3.39 18.81 24.09
CA SER B 177 4.23 17.69 23.67
C SER B 177 5.64 18.19 23.39
N ARG B 178 6.45 17.38 22.71
CA ARG B 178 7.84 17.75 22.46
C ARG B 178 8.41 16.81 21.41
N TYR B 179 9.42 17.31 20.69
CA TYR B 179 10.16 16.46 19.75
C TYR B 179 11.24 15.70 20.50
N ILE B 180 11.43 14.44 20.11
CA ILE B 180 12.24 13.53 20.92
C ILE B 180 12.89 12.50 20.00
N PRO B 181 14.15 12.13 20.23
CA PRO B 181 14.82 11.16 19.35
C PRO B 181 14.13 9.80 19.39
N GLU B 182 14.21 9.08 18.28
CA GLU B 182 13.55 7.78 18.14
C GLU B 182 14.49 6.77 17.53
N GLY B 183 14.14 5.49 17.71
CA GLY B 183 14.91 4.43 17.08
C GLY B 183 16.34 4.43 17.58
N MET B 184 17.28 4.43 16.64
CA MET B 184 18.71 4.54 16.90
C MET B 184 19.12 5.96 17.33
N GLN B 185 18.12 6.83 17.54
CA GLN B 185 18.27 8.17 18.11
C GLN B 185 18.84 9.18 17.12
N CYS B 186 18.68 8.97 15.81
CA CYS B 186 19.24 9.89 14.82
C CYS B 186 18.16 10.61 14.02
N SER B 187 16.90 10.49 14.40
CA SER B 187 15.84 11.35 13.90
C SER B 187 14.87 11.59 15.05
N CYS B 188 14.00 12.58 14.88
CA CYS B 188 13.13 12.97 15.98
C CYS B 188 11.67 12.95 15.54
N GLY B 189 10.79 12.66 16.50
CA GLY B 189 9.36 12.69 16.28
C GLY B 189 8.64 13.20 17.50
N ILE B 190 7.33 12.95 17.58
CA ILE B 190 6.54 13.34 18.74
C ILE B 190 6.79 12.36 19.88
N ASP B 191 6.62 12.83 21.11
CA ASP B 191 6.87 11.99 22.29
C ASP B 191 5.66 11.08 22.51
N TYR B 192 5.75 9.86 21.99
CA TYR B 192 4.81 8.80 22.34
C TYR B 192 5.33 7.91 23.45
N TYR B 193 6.50 8.23 24.01
CA TYR B 193 7.25 7.33 24.87
C TYR B 193 7.03 7.59 26.35
N THR B 194 6.91 8.85 26.74
CA THR B 194 6.82 9.22 28.14
C THR B 194 5.52 9.97 28.42
N PRO B 195 5.01 9.90 29.65
CA PRO B 195 3.87 10.74 30.02
C PRO B 195 4.24 12.22 30.04
N HIS B 196 5.30 12.54 30.79
CA HIS B 196 5.90 13.88 30.86
C HIS B 196 4.82 14.97 30.87
N GLU B 197 4.02 14.93 31.93
CA GLU B 197 2.82 15.77 32.00
C GLU B 197 3.12 17.26 32.05
N GLU B 198 4.37 17.68 32.29
CA GLU B 198 4.69 19.10 32.20
C GLU B 198 4.38 19.65 30.82
N THR B 199 4.47 18.82 29.78
CA THR B 199 4.16 19.20 28.41
C THR B 199 2.82 18.65 27.95
N ASN B 200 2.07 17.98 28.84
CA ASN B 200 0.76 17.42 28.52
C ASN B 200 0.83 16.53 27.26
N ASN B 201 1.75 15.57 27.30
CA ASN B 201 2.04 14.75 26.12
C ASN B 201 0.79 14.00 25.65
N GLU B 202 0.06 13.41 26.58
CA GLU B 202 -1.05 12.53 26.22
C GLU B 202 -2.11 13.27 25.41
N SER B 203 -2.44 14.49 25.83
CA SER B 203 -3.47 15.25 25.13
C SER B 203 -3.05 15.59 23.70
N PHE B 204 -1.76 15.82 23.46
CA PHE B 204 -1.32 16.18 22.12
C PHE B 204 -1.41 15.00 21.16
N VAL B 205 -0.99 13.81 21.60
CA VAL B 205 -0.98 12.66 20.71
C VAL B 205 -2.39 12.34 20.23
N ILE B 206 -3.38 12.44 21.12
N ILE B 206 -3.38 12.44 21.12
CA ILE B 206 -4.77 12.27 20.73
CA ILE B 206 -4.77 12.26 20.72
C ILE B 206 -5.16 13.34 19.72
C ILE B 206 -5.16 13.34 19.72
N TYR B 207 -4.79 14.60 20.00
CA TYR B 207 -5.15 15.69 19.10
C TYR B 207 -4.46 15.55 17.75
N MET B 208 -3.21 15.10 17.73
CA MET B 208 -2.51 14.92 16.46
C MET B 208 -3.16 13.81 15.63
N PHE B 209 -3.55 12.71 16.28
CA PHE B 209 -4.10 11.58 15.55
C PHE B 209 -5.56 11.76 15.15
N VAL B 210 -6.29 12.68 15.78
CA VAL B 210 -7.69 12.87 15.44
C VAL B 210 -7.82 14.00 14.43
N VAL B 211 -7.36 15.20 14.80
CA VAL B 211 -7.50 16.36 13.93
C VAL B 211 -6.61 16.23 12.70
N HIS B 212 -5.38 15.76 12.88
CA HIS B 212 -4.41 15.76 11.80
C HIS B 212 -4.13 14.37 11.25
N PHE B 213 -4.84 13.34 11.71
CA PHE B 213 -4.76 12.07 10.97
C PHE B 213 -6.12 11.52 10.53
N ILE B 214 -7.01 11.27 11.50
CA ILE B 214 -8.26 10.57 11.20
CA ILE B 214 -8.26 10.57 11.20
C ILE B 214 -9.22 11.47 10.44
N ILE B 215 -9.38 12.72 10.86
CA ILE B 215 -10.27 13.64 10.17
C ILE B 215 -9.87 13.85 8.71
N PRO B 216 -8.60 14.13 8.38
CA PRO B 216 -8.26 14.27 6.95
C PRO B 216 -8.57 13.04 6.13
N LEU B 217 -8.34 11.84 6.67
CA LEU B 217 -8.64 10.62 5.94
C LEU B 217 -10.14 10.46 5.72
N ILE B 218 -10.95 10.82 6.72
CA ILE B 218 -12.39 10.73 6.57
C ILE B 218 -12.86 11.59 5.40
N VAL B 219 -12.35 12.83 5.33
CA VAL B 219 -12.74 13.73 4.24
C VAL B 219 -12.30 13.17 2.90
N ILE B 220 -11.08 12.65 2.82
CA ILE B 220 -10.55 12.15 1.55
C ILE B 220 -11.39 10.99 1.06
N PHE B 221 -11.67 10.01 1.93
CA PHE B 221 -12.40 8.83 1.50
C PHE B 221 -13.88 9.12 1.33
N PHE B 222 -14.42 10.10 2.05
CA PHE B 222 -15.77 10.57 1.75
C PHE B 222 -15.84 11.09 0.31
N CYS B 223 -14.92 11.97 -0.07
CA CYS B 223 -14.93 12.55 -1.40
C CYS B 223 -14.68 11.49 -2.46
N TYR B 224 -13.82 10.50 -2.16
CA TYR B 224 -13.57 9.41 -3.09
C TYR B 224 -14.82 8.56 -3.30
N GLY B 225 -15.50 8.22 -2.20
CA GLY B 225 -16.72 7.43 -2.32
C GLY B 225 -17.79 8.11 -3.14
N GLN B 226 -17.96 9.43 -2.94
CA GLN B 226 -18.90 10.17 -3.77
C GLN B 226 -18.53 10.07 -5.24
N LEU B 227 -17.23 10.07 -5.55
CA LEU B 227 -16.80 9.91 -6.93
C LEU B 227 -17.15 8.53 -7.47
N VAL B 228 -16.97 7.49 -6.66
CA VAL B 228 -17.12 6.12 -7.17
C VAL B 228 -18.58 5.80 -7.44
N PHE B 229 -19.43 5.94 -6.42
CA PHE B 229 -20.84 5.59 -6.55
C PHE B 229 -21.68 6.76 -7.08
N THR B 230 -21.20 7.38 -8.15
CA THR B 230 -21.89 8.48 -8.82
C THR B 230 -21.16 8.88 -10.10
N GLN B 245 -12.83 16.11 -19.83
CA GLN B 245 -13.26 14.73 -19.69
C GLN B 245 -12.05 13.81 -19.56
N LYS B 246 -11.29 13.67 -20.65
CA LYS B 246 -10.04 12.93 -20.58
C LYS B 246 -8.98 13.71 -19.80
N ALA B 247 -8.99 15.04 -19.90
CA ALA B 247 -8.08 15.86 -19.11
C ALA B 247 -8.38 15.73 -17.62
N GLU B 248 -9.67 15.72 -17.26
CA GLU B 248 -10.02 15.56 -15.85
C GLU B 248 -9.70 14.15 -15.36
N LYS B 249 -9.87 13.16 -16.23
CA LYS B 249 -9.58 11.77 -15.84
C LYS B 249 -8.12 11.60 -15.46
N GLU B 250 -7.22 12.27 -16.18
CA GLU B 250 -5.79 12.18 -15.86
C GLU B 250 -5.51 12.72 -14.46
N VAL B 251 -6.12 13.85 -14.10
CA VAL B 251 -5.90 14.42 -12.78
C VAL B 251 -6.49 13.52 -11.70
N THR B 252 -7.70 13.01 -11.93
CA THR B 252 -8.33 12.13 -10.95
C THR B 252 -7.48 10.88 -10.71
N ARG B 253 -6.86 10.35 -11.77
CA ARG B 253 -6.01 9.18 -11.61
C ARG B 253 -4.77 9.49 -10.77
N MET B 254 -4.13 10.64 -11.02
CA MET B 254 -2.94 10.99 -10.25
C MET B 254 -3.27 11.22 -8.78
N VAL B 255 -4.42 11.82 -8.50
CA VAL B 255 -4.82 12.07 -7.11
C VAL B 255 -4.98 10.75 -6.35
N ILE B 256 -5.49 9.72 -7.02
CA ILE B 256 -5.62 8.41 -6.39
C ILE B 256 -4.24 7.87 -6.02
N ILE B 257 -3.28 7.96 -6.94
CA ILE B 257 -1.94 7.45 -6.68
C ILE B 257 -1.24 8.27 -5.60
N MET B 258 -1.50 9.58 -5.54
CA MET B 258 -0.93 10.39 -4.47
C MET B 258 -1.41 9.92 -3.10
N VAL B 259 -2.71 9.64 -2.97
CA VAL B 259 -3.24 9.15 -1.71
C VAL B 259 -2.62 7.80 -1.36
N ILE B 260 -2.53 6.90 -2.33
CA ILE B 260 -1.95 5.58 -2.09
C ILE B 260 -0.50 5.70 -1.68
N ALA B 261 0.24 6.61 -2.33
CA ALA B 261 1.65 6.81 -1.99
C ALA B 261 1.78 7.37 -0.58
N PHE B 262 0.87 8.25 -0.17
CA PHE B 262 0.91 8.81 1.17
C PHE B 262 0.72 7.72 2.22
N LEU B 263 -0.24 6.83 2.00
CA LEU B 263 -0.51 5.76 2.97
C LEU B 263 0.67 4.80 3.08
N ILE B 264 1.27 4.43 1.95
CA ILE B 264 2.44 3.56 1.99
C ILE B 264 3.56 4.21 2.79
N CYS B 265 3.77 5.51 2.56
CA CYS B 265 4.87 6.21 3.22
C CYS B 265 4.61 6.39 4.72
N TRP B 266 3.37 6.72 5.12
CA TRP B 266 3.10 7.20 6.46
C TRP B 266 2.33 6.25 7.37
N LEU B 267 1.59 5.28 6.81
CA LEU B 267 0.87 4.33 7.67
C LEU B 267 1.79 3.51 8.57
N PRO B 268 2.89 2.91 8.10
CA PRO B 268 3.74 2.14 9.02
C PRO B 268 4.26 2.96 10.18
N TYR B 269 4.62 4.23 9.94
CA TYR B 269 5.12 5.06 11.01
C TYR B 269 4.02 5.38 12.01
N ALA B 270 2.83 5.75 11.52
CA ALA B 270 1.73 6.06 12.42
C ALA B 270 1.31 4.83 13.22
N GLY B 271 1.29 3.66 12.58
CA GLY B 271 0.91 2.45 13.30
C GLY B 271 1.89 2.10 14.40
N VAL B 272 3.19 2.15 14.10
CA VAL B 272 4.20 1.88 15.12
C VAL B 272 4.14 2.94 16.21
N ALA B 273 3.98 4.21 15.81
CA ALA B 273 3.91 5.28 16.80
C ALA B 273 2.72 5.10 17.73
N PHE B 274 1.56 4.72 17.18
CA PHE B 274 0.39 4.54 18.02
C PHE B 274 0.50 3.30 18.90
N TYR B 275 1.17 2.25 18.40
CA TYR B 275 1.41 1.09 19.25
C TYR B 275 2.27 1.46 20.45
N ILE B 276 3.29 2.27 20.24
CA ILE B 276 4.17 2.69 21.33
C ILE B 276 3.41 3.56 22.32
N PHE B 277 2.58 4.47 21.82
CA PHE B 277 1.78 5.33 22.69
C PHE B 277 0.91 4.50 23.64
N THR B 278 0.39 3.37 23.15
CA THR B 278 -0.46 2.51 23.94
C THR B 278 0.30 1.41 24.68
N HIS B 279 1.61 1.26 24.42
CA HIS B 279 2.44 0.25 25.06
C HIS B 279 3.76 0.86 25.52
N GLN B 280 3.67 1.99 26.22
CA GLN B 280 4.87 2.68 26.66
C GLN B 280 5.67 1.83 27.64
N GLY B 281 6.99 1.82 27.45
CA GLY B 281 7.88 1.01 28.26
C GLY B 281 7.97 -0.44 27.86
N SER B 282 7.29 -0.84 26.79
CA SER B 282 7.27 -2.24 26.39
C SER B 282 8.56 -2.62 25.67
N ASP B 283 8.66 -3.90 25.33
CA ASP B 283 9.93 -4.53 24.95
C ASP B 283 10.15 -4.37 23.45
N PHE B 284 10.70 -3.22 23.05
CA PHE B 284 11.08 -2.98 21.66
C PHE B 284 12.46 -2.35 21.60
N GLY B 285 13.16 -2.61 20.50
CA GLY B 285 14.52 -2.16 20.31
C GLY B 285 14.64 -0.96 19.38
N PRO B 286 15.88 -0.53 19.13
CA PRO B 286 16.09 0.65 18.28
C PRO B 286 15.61 0.47 16.85
N ILE B 287 15.70 -0.74 16.30
CA ILE B 287 15.32 -0.97 14.91
C ILE B 287 13.82 -0.81 14.71
N PHE B 288 13.03 -0.94 15.79
CA PHE B 288 11.58 -0.99 15.67
C PHE B 288 11.01 0.29 15.07
N MET B 289 11.51 1.45 15.48
CA MET B 289 11.04 2.72 14.92
C MET B 289 11.97 3.28 13.86
N THR B 290 13.24 2.86 13.82
CA THR B 290 14.18 3.42 12.87
C THR B 290 13.71 3.25 11.43
N ILE B 291 13.34 2.02 11.06
N ILE B 291 13.31 2.04 11.07
CA ILE B 291 12.93 1.75 9.68
CA ILE B 291 12.93 1.74 9.68
C ILE B 291 11.69 2.53 9.29
C ILE B 291 11.68 2.51 9.26
N PRO B 292 10.59 2.51 10.04
CA PRO B 292 9.44 3.37 9.65
C PRO B 292 9.78 4.85 9.65
N ALA B 293 10.61 5.30 10.59
CA ALA B 293 10.93 6.72 10.69
C ALA B 293 11.69 7.21 9.47
N PHE B 294 12.69 6.44 9.02
CA PHE B 294 13.49 6.87 7.89
C PHE B 294 12.82 6.58 6.56
N PHE B 295 11.98 5.54 6.49
CA PHE B 295 11.19 5.31 5.29
C PHE B 295 10.23 6.47 5.04
N ALA B 296 9.66 7.01 6.12
CA ALA B 296 8.75 8.15 5.99
C ALA B 296 9.45 9.40 5.46
N LYS B 297 10.79 9.47 5.54
CA LYS B 297 11.51 10.61 5.03
C LYS B 297 11.56 10.63 3.50
N THR B 298 11.10 9.58 2.82
CA THR B 298 10.90 9.65 1.38
C THR B 298 9.77 10.59 0.99
N SER B 299 9.00 11.07 1.98
CA SER B 299 7.91 11.99 1.69
C SER B 299 8.40 13.25 0.98
N ALA B 300 9.67 13.60 1.14
CA ALA B 300 10.22 14.81 0.52
C ALA B 300 10.50 14.66 -0.96
N VAL B 301 10.37 13.45 -1.53
CA VAL B 301 10.87 13.18 -2.88
C VAL B 301 9.76 12.70 -3.82
N TYR B 302 8.85 11.84 -3.35
CA TYR B 302 8.07 11.03 -4.28
C TYR B 302 7.01 11.82 -5.04
N ASN B 303 6.43 12.86 -4.44
CA ASN B 303 5.31 13.55 -5.10
C ASN B 303 5.69 14.12 -6.45
N PRO B 304 6.81 14.82 -6.63
CA PRO B 304 7.19 15.25 -7.98
C PRO B 304 7.45 14.10 -8.94
N VAL B 305 7.78 12.91 -8.44
CA VAL B 305 7.99 11.76 -9.31
C VAL B 305 6.66 11.29 -9.90
N ILE B 306 5.61 11.24 -9.08
CA ILE B 306 4.28 10.92 -9.58
C ILE B 306 3.80 11.99 -10.56
N TYR B 307 4.09 13.25 -10.24
CA TYR B 307 3.74 14.37 -11.10
C TYR B 307 4.29 14.20 -12.51
N ILE B 308 5.59 13.89 -12.61
CA ILE B 308 6.23 13.69 -13.91
C ILE B 308 5.62 12.49 -14.63
N MET B 309 5.39 11.40 -13.90
N MET B 309 5.39 11.40 -13.90
CA MET B 309 4.92 10.16 -14.53
CA MET B 309 4.93 10.16 -14.53
C MET B 309 3.46 10.26 -14.96
C MET B 309 3.44 10.17 -14.87
N MET B 310 2.66 11.09 -14.29
CA MET B 310 1.21 11.05 -14.47
C MET B 310 0.58 12.36 -14.92
N ASN B 311 1.36 13.37 -15.28
CA ASN B 311 0.81 14.60 -15.87
C ASN B 311 1.55 14.87 -17.17
N LYS B 312 0.86 14.64 -18.29
CA LYS B 312 1.48 14.84 -19.60
C LYS B 312 1.86 16.31 -19.82
N GLN B 313 1.00 17.23 -19.39
CA GLN B 313 1.28 18.65 -19.61
C GLN B 313 2.53 19.09 -18.83
N PHE B 314 2.60 18.74 -17.54
CA PHE B 314 3.75 19.14 -16.74
C PHE B 314 5.03 18.48 -17.24
N ARG B 315 4.94 17.21 -17.66
CA ARG B 315 6.12 16.50 -18.15
C ARG B 315 6.71 17.19 -19.37
N ASN B 316 5.87 17.62 -20.31
CA ASN B 316 6.36 18.28 -21.51
C ASN B 316 6.85 19.69 -21.21
N CYS B 317 6.22 20.38 -20.24
CA CYS B 317 6.73 21.67 -19.81
C CYS B 317 8.13 21.54 -19.21
N MET B 318 8.37 20.45 -18.47
CA MET B 318 9.69 20.22 -17.90
C MET B 318 10.71 19.90 -18.98
N VAL B 319 10.36 19.06 -19.94
CA VAL B 319 11.27 18.76 -21.05
C VAL B 319 11.58 20.02 -21.84
N THR B 320 10.57 20.86 -22.06
CA THR B 320 10.81 22.15 -22.71
C THR B 320 11.80 22.98 -21.90
N THR B 321 11.58 23.09 -20.59
CA THR B 321 12.49 23.86 -19.74
C THR B 321 13.88 23.24 -19.70
N LEU B 322 13.96 21.91 -19.59
CA LEU B 322 15.24 21.24 -19.46
C LEU B 322 16.05 21.23 -20.75
N CYS B 323 15.39 21.39 -21.90
CA CYS B 323 16.06 21.26 -23.18
C CYS B 323 15.86 22.49 -24.07
#